data_2BVK
# 
_entry.id   2BVK 
# 
_audit_conform.dict_name       mmcif_pdbx.dic 
_audit_conform.dict_version    5.392 
_audit_conform.dict_location   http://mmcif.pdb.org/dictionaries/ascii/mmcif_pdbx.dic 
# 
loop_
_database_2.database_id 
_database_2.database_code 
_database_2.pdbx_database_accession 
_database_2.pdbx_DOI 
PDB   2BVK         pdb_00002bvk 10.2210/pdb2bvk/pdb 
PDBE  EBI-24674    ?            ?                   
WWPDB D_1290024674 ?            ?                   
# 
loop_
_pdbx_audit_revision_history.ordinal 
_pdbx_audit_revision_history.data_content_type 
_pdbx_audit_revision_history.major_revision 
_pdbx_audit_revision_history.minor_revision 
_pdbx_audit_revision_history.revision_date 
1 'Structure model' 1 0 2006-10-30 
2 'Structure model' 1 1 2011-06-02 
3 'Structure model' 1 2 2011-07-13 
4 'Structure model' 1 3 2018-10-03 
5 'Structure model' 2 0 2020-07-29 
6 'Structure model' 2 1 2024-05-15 
# 
loop_
_pdbx_audit_revision_details.ordinal 
_pdbx_audit_revision_details.revision_ordinal 
_pdbx_audit_revision_details.data_content_type 
_pdbx_audit_revision_details.provider 
_pdbx_audit_revision_details.type 
_pdbx_audit_revision_details.description 
_pdbx_audit_revision_details.details 
1 1 'Structure model' repository 'Initial release' ?                          ? 
2 5 'Structure model' repository Remediation       'Carbohydrate remediation' ? 
# 
loop_
_pdbx_audit_revision_group.ordinal 
_pdbx_audit_revision_group.revision_ordinal 
_pdbx_audit_revision_group.data_content_type 
_pdbx_audit_revision_group.group 
1  2 'Structure model' 'Version format compliance' 
2  3 'Structure model' 'Version format compliance' 
3  4 'Structure model' 'Data collection'           
4  5 'Structure model' 'Atomic model'              
5  5 'Structure model' 'Data collection'           
6  5 'Structure model' 'Derived calculations'      
7  5 'Structure model' 'Structure summary'         
8  6 'Structure model' 'Data collection'           
9  6 'Structure model' 'Database references'       
10 6 'Structure model' 'Structure summary'         
# 
loop_
_pdbx_audit_revision_category.ordinal 
_pdbx_audit_revision_category.revision_ordinal 
_pdbx_audit_revision_category.data_content_type 
_pdbx_audit_revision_category.category 
1  4 'Structure model' pdbx_nmr_spectrometer         
2  5 'Structure model' atom_site                     
3  5 'Structure model' chem_comp                     
4  5 'Structure model' entity                        
5  5 'Structure model' pdbx_branch_scheme            
6  5 'Structure model' pdbx_chem_comp_identifier     
7  5 'Structure model' pdbx_entity_branch            
8  5 'Structure model' pdbx_entity_branch_descriptor 
9  5 'Structure model' pdbx_entity_branch_link       
10 5 'Structure model' pdbx_entity_branch_list       
11 5 'Structure model' pdbx_entity_nonpoly           
12 5 'Structure model' pdbx_nonpoly_scheme           
13 5 'Structure model' pdbx_struct_assembly_gen      
14 5 'Structure model' struct_asym                   
15 5 'Structure model' struct_conn                   
16 6 'Structure model' chem_comp                     
17 6 'Structure model' chem_comp_atom                
18 6 'Structure model' chem_comp_bond                
19 6 'Structure model' database_2                    
# 
loop_
_pdbx_audit_revision_item.ordinal 
_pdbx_audit_revision_item.revision_ordinal 
_pdbx_audit_revision_item.data_content_type 
_pdbx_audit_revision_item.item 
1  4 'Structure model' '_pdbx_nmr_spectrometer.manufacturer'    
2  4 'Structure model' '_pdbx_nmr_spectrometer.model'           
3  5 'Structure model' '_atom_site.Cartn_x'                     
4  5 'Structure model' '_atom_site.Cartn_y'                     
5  5 'Structure model' '_atom_site.Cartn_z'                     
6  5 'Structure model' '_atom_site.auth_atom_id'                
7  5 'Structure model' '_atom_site.auth_comp_id'                
8  5 'Structure model' '_atom_site.auth_seq_id'                 
9  5 'Structure model' '_atom_site.label_asym_id'               
10 5 'Structure model' '_atom_site.label_atom_id'               
11 5 'Structure model' '_atom_site.label_comp_id'               
12 5 'Structure model' '_atom_site.label_entity_id'             
13 5 'Structure model' '_atom_site.type_symbol'                 
14 5 'Structure model' '_chem_comp.name'                        
15 5 'Structure model' '_chem_comp.type'                        
16 5 'Structure model' '_pdbx_struct_assembly_gen.asym_id_list' 
17 5 'Structure model' '_struct_conn.pdbx_dist_value'           
18 5 'Structure model' '_struct_conn.pdbx_leaving_atom_flag'    
19 5 'Structure model' '_struct_conn.ptnr1_auth_comp_id'        
20 5 'Structure model' '_struct_conn.ptnr1_label_asym_id'       
21 5 'Structure model' '_struct_conn.ptnr1_label_atom_id'       
22 5 'Structure model' '_struct_conn.ptnr1_label_comp_id'       
23 5 'Structure model' '_struct_conn.ptnr2_auth_comp_id'        
24 5 'Structure model' '_struct_conn.ptnr2_label_asym_id'       
25 5 'Structure model' '_struct_conn.ptnr2_label_atom_id'       
26 5 'Structure model' '_struct_conn.ptnr2_label_comp_id'       
27 6 'Structure model' '_chem_comp.pdbx_synonyms'               
28 6 'Structure model' '_database_2.pdbx_DOI'                   
29 6 'Structure model' '_database_2.pdbx_database_accession'    
# 
_pdbx_database_status.status_code                     REL 
_pdbx_database_status.entry_id                        2BVK 
_pdbx_database_status.deposit_site                    PDBE 
_pdbx_database_status.process_site                    PDBE 
_pdbx_database_status.SG_entry                        . 
_pdbx_database_status.recvd_initial_deposition_date   2005-06-30 
_pdbx_database_status.pdb_format_compatible           Y 
_pdbx_database_status.status_code_sf                  ? 
_pdbx_database_status.status_code_mr                  ? 
_pdbx_database_status.status_code_cs                  ? 
_pdbx_database_status.methods_development_category    ? 
_pdbx_database_status.status_code_nmr_data            ? 
# 
loop_
_pdbx_database_related.db_name 
_pdbx_database_related.db_id 
_pdbx_database_related.content_type 
_pdbx_database_related.details 
PDB 1HYA unspecified . 
PDB 2HYA unspecified . 
PDB 3HYA unspecified . 
PDB 4HYA unspecified . 
# 
loop_
_audit_author.name 
_audit_author.pdbx_ordinal 
'Almond, A.'      1 
'DeAngelis, P.L.' 2 
'Blundell, C.D.'  3 
# 
_citation.id                        primary 
_citation.title                     
;Hyaluronan: The Local Solution Conformation Determined by NMR and Computer Modeling is Close to a Contracted Left-Handed 4-Fold Helix.
;
_citation.journal_abbrev            J.Mol.Biol. 
_citation.journal_volume            358 
_citation.page_first                1256 
_citation.page_last                 ? 
_citation.year                      2006 
_citation.journal_id_ASTM           JMOBAK 
_citation.country                   UK 
_citation.journal_id_ISSN           0022-2836 
_citation.journal_id_CSD            0070 
_citation.book_publisher            ? 
_citation.pdbx_database_id_PubMed   16584748 
_citation.pdbx_database_id_DOI      10.1016/J.JMB.2006.02.077 
# 
loop_
_citation_author.citation_id 
_citation_author.name 
_citation_author.ordinal 
_citation_author.identifier_ORCID 
primary 'Almond, A.'      1 ? 
primary 'Deangelis, P.L.' 2 ? 
primary 'Blundell, C.D.'  3 ? 
# 
_entity.id                         1 
_entity.type                       branched 
_entity.src_method                 man 
_entity.pdbx_description           
;2-acetamido-2-deoxy-beta-D-glucopyranose-(1-4)-beta-D-glucopyranuronic acid-(1-3)-2-acetamido-2-deoxy-beta-D-glucopyranose-(1-4)-beta-D-glucopyranuronic acid-(1-3)-2-acetamido-2-deoxy-beta-D-glucopyranose-(1-4)-beta-D-glucopyranuronic acid-(1-3)-2-acetamido-2-deoxy-beta-D-glucopyranose-(1-4)-beta-D-glucopyranuronic acid
;
_entity.formula_weight             1535.282 
_entity.pdbx_number_of_molecules   1 
_entity.pdbx_ec                    ? 
_entity.pdbx_mutation              ? 
_entity.pdbx_fragment              ? 
_entity.details                    ? 
# 
_pdbx_entity_branch.entity_id   1 
_pdbx_entity_branch.type        oligosaccharide 
# 
loop_
_pdbx_entity_branch_descriptor.ordinal 
_pdbx_entity_branch_descriptor.entity_id 
_pdbx_entity_branch_descriptor.descriptor 
_pdbx_entity_branch_descriptor.type 
_pdbx_entity_branch_descriptor.program 
_pdbx_entity_branch_descriptor.program_version 
1 1 DGlcpNAcb1-4DGlcpAb1-3DGlcpNAcb1-4DGlcpAb1-3DGlcpNAcb1-4DGlcpAb1-3DGlcpNAcb1-4DGlcpAb1-ROH 'Glycam Condensed Sequence' GMML 
1.0   
2 1 'WURCS=2.0/2,8,7/[a2122A-1b_1-5][a2122h-1b_1-5_2*NCC/3=O]/1-2-1-2-1-2-1-2/a4-b1_b3-c1_c4-d1_d3-e1_e4-f1_f3-g1_g4-h1' WURCS 
PDB2Glycan 1.1.0 
3 1 
;[][b-D-GlcpA]{[(4+1)][b-D-GlcpNAc]{[(3+1)][b-D-GlcpA]{[(4+1)][b-D-GlcpNAc]{[(3+1)][b-D-GlcpA]{[(4+1)][b-D-GlcpNAc]{[(3+1)][b-D-GlcpA]{[(4+1)][b-D-GlcpNAc]{}}}}}}}}
;
LINUCS                      PDB-CARE   ?     
# 
loop_
_pdbx_entity_branch_link.link_id 
_pdbx_entity_branch_link.entity_id 
_pdbx_entity_branch_link.entity_branch_list_num_1 
_pdbx_entity_branch_link.comp_id_1 
_pdbx_entity_branch_link.atom_id_1 
_pdbx_entity_branch_link.leaving_atom_id_1 
_pdbx_entity_branch_link.entity_branch_list_num_2 
_pdbx_entity_branch_link.comp_id_2 
_pdbx_entity_branch_link.atom_id_2 
_pdbx_entity_branch_link.leaving_atom_id_2 
_pdbx_entity_branch_link.value_order 
_pdbx_entity_branch_link.details 
1 1 2 NAG C1 O1 1 BDP O4 HO4 sing ? 
2 1 3 BDP C1 O1 2 NAG O3 HO3 sing ? 
3 1 4 NAG C1 O1 3 BDP O4 HO4 sing ? 
4 1 5 BDP C1 O1 4 NAG O3 HO3 sing ? 
5 1 6 NAG C1 O1 5 BDP O4 HO4 sing ? 
6 1 7 BDP C1 O1 6 NAG O3 HO3 sing ? 
7 1 8 NAG C1 O1 7 BDP O4 HO4 sing ? 
# 
loop_
_chem_comp.id 
_chem_comp.type 
_chem_comp.mon_nstd_flag 
_chem_comp.name 
_chem_comp.pdbx_synonyms 
_chem_comp.formula 
_chem_comp.formula_weight 
BDP 'D-saccharide, beta linking' . 'beta-D-glucopyranuronic acid'           
'beta-D-glucuronic acid; D-glucuronic acid; glucuronic acid' 'C6 H10 O7'   194.139 
NAG 'D-saccharide, beta linking' . 2-acetamido-2-deoxy-beta-D-glucopyranose 
;N-acetyl-beta-D-glucosamine; 2-acetamido-2-deoxy-beta-D-glucose; 2-acetamido-2-deoxy-D-glucose; 2-acetamido-2-deoxy-glucose; N-ACETYL-D-GLUCOSAMINE
;
'C8 H15 N O6' 221.208 
# 
loop_
_pdbx_chem_comp_identifier.comp_id 
_pdbx_chem_comp_identifier.type 
_pdbx_chem_comp_identifier.program 
_pdbx_chem_comp_identifier.program_version 
_pdbx_chem_comp_identifier.identifier 
BDP 'CONDENSED IUPAC CARBOHYDRATE SYMBOL' GMML     1.0 DGlcpAb                        
BDP 'COMMON NAME'                         GMML     1.0 'b-D-glucopyranuronic acid'    
BDP 'IUPAC CARBOHYDRATE SYMBOL'           PDB-CARE 1.0 b-D-GlcpA                      
BDP 'SNFG CARBOHYDRATE SYMBOL'            GMML     1.0 GlcA                           
NAG 'CONDENSED IUPAC CARBOHYDRATE SYMBOL' GMML     1.0 DGlcpNAcb                      
NAG 'COMMON NAME'                         GMML     1.0 N-acetyl-b-D-glucopyranosamine 
NAG 'IUPAC CARBOHYDRATE SYMBOL'           PDB-CARE 1.0 b-D-GlcpNAc                    
NAG 'SNFG CARBOHYDRATE SYMBOL'            GMML     1.0 GlcNAc                         
# 
loop_
_pdbx_branch_scheme.asym_id 
_pdbx_branch_scheme.entity_id 
_pdbx_branch_scheme.mon_id 
_pdbx_branch_scheme.num 
_pdbx_branch_scheme.pdb_asym_id 
_pdbx_branch_scheme.pdb_mon_id 
_pdbx_branch_scheme.pdb_seq_num 
_pdbx_branch_scheme.auth_asym_id 
_pdbx_branch_scheme.auth_mon_id 
_pdbx_branch_scheme.auth_seq_num 
_pdbx_branch_scheme.hetero 
A 1 BDP 1 P BDP 1 P BDP 8 n 
A 1 NAG 2 P NAG 2 P NAG 7 n 
A 1 BDP 3 P BDP 3 P BDP 6 n 
A 1 NAG 4 P NAG 4 P NAG 5 n 
A 1 BDP 5 P BDP 5 P BDP 4 n 
A 1 NAG 6 P NAG 6 P NAG 3 n 
A 1 BDP 7 P BDP 7 P BDP 2 n 
A 1 NAG 8 P NAG 8 P NAG 1 n 
# 
_cell.entry_id           2BVK 
_cell.length_a           1.000 
_cell.length_b           1.000 
_cell.length_c           1.000 
_cell.angle_alpha        90.00 
_cell.angle_beta         90.00 
_cell.angle_gamma        90.00 
_cell.Z_PDB              1 
_cell.pdbx_unique_axis   ? 
# 
_symmetry.entry_id                         2BVK 
_symmetry.space_group_name_H-M             'P 1' 
_symmetry.pdbx_full_space_group_name_H-M   ? 
_symmetry.cell_setting                     ? 
_symmetry.Int_Tables_number                1 
# 
loop_
_exptl.entry_id 
_exptl.method 
_exptl.crystals_number 
2BVK 'SOLUTION NMR'      ? 
2BVK 'THEORETICAL MODEL' ? 
# 
_struct.entry_id                  2BVK 
_struct.title                     
;Hyaluronan: the local solution conformation determined by NMR and computer modelling is close to a contracted left-handed four-fold helix
;
_struct.pdbx_model_details        
;50 NANOSECOND FREE MOLECULAR DYNAMICS SIMULATION WITH EXPLIC INCLUSION OF WATER MOLECULES AND IONS AND A FORCE-FIELD DERIVED FOR CARBOHYRDRATES. THE DERIVED PDB STRUCTURE WAS THE AVERAGE CONFORMAT OBSERVED DURING THE MOLECULAR DYNAMICS SIMULATION
;
_struct.pdbx_CASP_flag            ? 
_struct.pdbx_model_type_details   'MINIMIZED AVERAGE' 
# 
_struct_keywords.entry_id        2BVK 
_struct_keywords.pdbx_keywords   'CELL ADHESION' 
_struct_keywords.text            
;CELL ADHESION, HYALURONAN, GLYCOSAMINOGLYCAN, CARBOHYDRATE, N-ACETYL- GLUCOSAMINE, GLUCURONIC ACID, EXTRACELLULAR MATRIX, SIMLUATION, AQUEOUS MOLECULAR DYNAMICS, HYALURONIC ACID, SODIUM HYALURONATE
;
# 
_struct_asym.id                            A 
_struct_asym.pdbx_blank_PDB_chainid_flag   N 
_struct_asym.pdbx_modified                 N 
_struct_asym.entity_id                     1 
_struct_asym.details                       ? 
# 
_pdbx_struct_assembly.id                   1 
_pdbx_struct_assembly.details              author_defined_assembly 
_pdbx_struct_assembly.method_details       ? 
_pdbx_struct_assembly.oligomeric_details   monomeric 
_pdbx_struct_assembly.oligomeric_count     1 
# 
_pdbx_struct_assembly_gen.assembly_id       1 
_pdbx_struct_assembly_gen.oper_expression   1 
_pdbx_struct_assembly_gen.asym_id_list      A 
# 
_pdbx_struct_oper_list.id                   1 
_pdbx_struct_oper_list.type                 'identity operation' 
_pdbx_struct_oper_list.name                 1_555 
_pdbx_struct_oper_list.symmetry_operation   x,y,z 
_pdbx_struct_oper_list.matrix[1][1]         1.0000000000 
_pdbx_struct_oper_list.matrix[1][2]         0.0000000000 
_pdbx_struct_oper_list.matrix[1][3]         0.0000000000 
_pdbx_struct_oper_list.vector[1]            0.0000000000 
_pdbx_struct_oper_list.matrix[2][1]         0.0000000000 
_pdbx_struct_oper_list.matrix[2][2]         1.0000000000 
_pdbx_struct_oper_list.matrix[2][3]         0.0000000000 
_pdbx_struct_oper_list.vector[2]            0.0000000000 
_pdbx_struct_oper_list.matrix[3][1]         0.0000000000 
_pdbx_struct_oper_list.matrix[3][2]         0.0000000000 
_pdbx_struct_oper_list.matrix[3][3]         1.0000000000 
_pdbx_struct_oper_list.vector[3]            0.0000000000 
# 
loop_
_struct_conn.id 
_struct_conn.conn_type_id 
_struct_conn.pdbx_leaving_atom_flag 
_struct_conn.pdbx_PDB_id 
_struct_conn.ptnr1_label_asym_id 
_struct_conn.ptnr1_label_comp_id 
_struct_conn.ptnr1_label_seq_id 
_struct_conn.ptnr1_label_atom_id 
_struct_conn.pdbx_ptnr1_label_alt_id 
_struct_conn.pdbx_ptnr1_PDB_ins_code 
_struct_conn.pdbx_ptnr1_standard_comp_id 
_struct_conn.ptnr1_symmetry 
_struct_conn.ptnr2_label_asym_id 
_struct_conn.ptnr2_label_comp_id 
_struct_conn.ptnr2_label_seq_id 
_struct_conn.ptnr2_label_atom_id 
_struct_conn.pdbx_ptnr2_label_alt_id 
_struct_conn.pdbx_ptnr2_PDB_ins_code 
_struct_conn.ptnr1_auth_asym_id 
_struct_conn.ptnr1_auth_comp_id 
_struct_conn.ptnr1_auth_seq_id 
_struct_conn.ptnr2_auth_asym_id 
_struct_conn.ptnr2_auth_comp_id 
_struct_conn.ptnr2_auth_seq_id 
_struct_conn.ptnr2_symmetry 
_struct_conn.pdbx_ptnr3_label_atom_id 
_struct_conn.pdbx_ptnr3_label_seq_id 
_struct_conn.pdbx_ptnr3_label_comp_id 
_struct_conn.pdbx_ptnr3_label_asym_id 
_struct_conn.pdbx_ptnr3_label_alt_id 
_struct_conn.pdbx_ptnr3_PDB_ins_code 
_struct_conn.details 
_struct_conn.pdbx_dist_value 
_struct_conn.pdbx_value_order 
_struct_conn.pdbx_role 
covale1 covale both ? A BDP . O4 ? ? ? 1_555 A NAG . C1 ? ? P BDP 1 P NAG 2 1_555 ? ? ? ? ? ? ? 1.395 ? ? 
covale2 covale both ? A NAG . O3 ? ? ? 1_555 A BDP . C1 ? ? P NAG 2 P BDP 3 1_555 ? ? ? ? ? ? ? 1.397 ? ? 
covale3 covale both ? A BDP . O4 ? ? ? 1_555 A NAG . C1 ? ? P BDP 3 P NAG 4 1_555 ? ? ? ? ? ? ? 1.396 ? ? 
covale4 covale both ? A NAG . O3 ? ? ? 1_555 A BDP . C1 ? ? P NAG 4 P BDP 5 1_555 ? ? ? ? ? ? ? 1.397 ? ? 
covale5 covale both ? A BDP . O4 ? ? ? 1_555 A NAG . C1 ? ? P BDP 5 P NAG 6 1_555 ? ? ? ? ? ? ? 1.395 ? ? 
covale6 covale both ? A NAG . O3 ? ? ? 1_555 A BDP . C1 ? ? P NAG 6 P BDP 7 1_555 ? ? ? ? ? ? ? 1.397 ? ? 
covale7 covale both ? A BDP . O4 ? ? ? 1_555 A NAG . C1 ? ? P BDP 7 P NAG 8 1_555 ? ? ? ? ? ? ? 1.395 ? ? 
# 
_struct_conn_type.id          covale 
_struct_conn_type.criteria    ? 
_struct_conn_type.reference   ? 
# 
_pdbx_nmr_ensemble.entry_id                             2BVK 
_pdbx_nmr_ensemble.conformers_calculated_total_number   250000 
_pdbx_nmr_ensemble.conformers_submitted_total_number    1 
_pdbx_nmr_ensemble.conformer_selection_criteria         
;AVERAGE CONFORMATION FROM A 50 NAN MOLECULAR DYNAMICS TRAJECTORY THAT EXPLICIT SOLVENT WATER AND CHARGE SODIUM IONS. THE 1-3 AND 1-4 LINKA FIXED AT (50.78, 9.78) AND (47.98, RESPECTIVELY USING THE H1-C1-OX-HX NOMENCLATURE
;
# 
_pdbx_nmr_exptl_sample_conditions.conditions_id          1 
_pdbx_nmr_exptl_sample_conditions.temperature            298 
_pdbx_nmr_exptl_sample_conditions.pressure_units         ? 
_pdbx_nmr_exptl_sample_conditions.pressure               ? 
_pdbx_nmr_exptl_sample_conditions.pH                     6.0 
_pdbx_nmr_exptl_sample_conditions.ionic_strength         ? 
_pdbx_nmr_exptl_sample_conditions.ionic_strength_units   ? 
_pdbx_nmr_exptl_sample_conditions.pH_units               pH 
_pdbx_nmr_exptl_sample_conditions.temperature_units      K 
_pdbx_nmr_exptl_sample_conditions.label                  ? 
# 
loop_
_pdbx_nmr_exptl.experiment_id 
_pdbx_nmr_exptl.conditions_id 
_pdbx_nmr_exptl.type 
_pdbx_nmr_exptl.solution_id 
1 1 '[1H-15N] HSQC'       1 
2 1 '[1H-1H-15N] NOESY-H' 1 
# 
_pdbx_nmr_details.entry_id   2BVK 
_pdbx_nmr_details.text       'IONS AND WATER WERE REMOVED TO GENERATE ATOMIC COORDINATES' 
# 
_pdbx_nmr_refine.entry_id           2BVK 
_pdbx_nmr_refine.method             'MOLECULAR DYNAMICS CONFIRMED BY BA CALCULATION OF EXPERIMENTAL NMR PA' 
_pdbx_nmr_refine.details            ? 
_pdbx_nmr_refine.software_ordinal   1 
# 
loop_
_pdbx_nmr_software.classification 
_pdbx_nmr_software.name 
_pdbx_nmr_software.version 
_pdbx_nmr_software.authors 
_pdbx_nmr_software.ordinal 
refinement           CHARMM ? 'BROOKS,BRUCCOLERI,OLAFSEN,STATES, SWAMINATHAN, KARPLUS' 1 
'structure solution' CHARMM ? ?                                                        2 
# 
loop_
_chem_comp_atom.comp_id 
_chem_comp_atom.atom_id 
_chem_comp_atom.type_symbol 
_chem_comp_atom.pdbx_aromatic_flag 
_chem_comp_atom.pdbx_stereo_config 
_chem_comp_atom.pdbx_ordinal 
BDP C1   C N R 1  
BDP C2   C N R 2  
BDP C3   C N S 3  
BDP C4   C N S 4  
BDP C5   C N S 5  
BDP C6   C N N 6  
BDP O2   O N N 7  
BDP O3   O N N 8  
BDP O4   O N N 9  
BDP O5   O N N 10 
BDP O6A  O N N 11 
BDP O1   O N N 12 
BDP O6B  O N N 13 
BDP H1   H N N 14 
BDP H2   H N N 15 
BDP H3   H N N 16 
BDP H4   H N N 17 
BDP H5   H N N 18 
BDP HO2  H N N 19 
BDP HO3  H N N 20 
BDP HO4  H N N 21 
BDP HO1  H N N 22 
BDP HO6B H N N 23 
NAG C1   C N R 24 
NAG C2   C N R 25 
NAG C3   C N R 26 
NAG C4   C N S 27 
NAG C5   C N R 28 
NAG C6   C N N 29 
NAG C7   C N N 30 
NAG C8   C N N 31 
NAG N2   N N N 32 
NAG O1   O N N 33 
NAG O3   O N N 34 
NAG O4   O N N 35 
NAG O5   O N N 36 
NAG O6   O N N 37 
NAG O7   O N N 38 
NAG H1   H N N 39 
NAG H2   H N N 40 
NAG H3   H N N 41 
NAG H4   H N N 42 
NAG H5   H N N 43 
NAG H61  H N N 44 
NAG H62  H N N 45 
NAG H81  H N N 46 
NAG H82  H N N 47 
NAG H83  H N N 48 
NAG HN2  H N N 49 
NAG HO1  H N N 50 
NAG HO3  H N N 51 
NAG HO4  H N N 52 
NAG HO6  H N N 53 
# 
loop_
_chem_comp_bond.comp_id 
_chem_comp_bond.atom_id_1 
_chem_comp_bond.atom_id_2 
_chem_comp_bond.value_order 
_chem_comp_bond.pdbx_aromatic_flag 
_chem_comp_bond.pdbx_stereo_config 
_chem_comp_bond.pdbx_ordinal 
BDP C1  C2   sing N N 1  
BDP C1  O5   sing N N 2  
BDP C1  O1   sing N N 3  
BDP C1  H1   sing N N 4  
BDP C2  C3   sing N N 5  
BDP C2  O2   sing N N 6  
BDP C2  H2   sing N N 7  
BDP C3  C4   sing N N 8  
BDP C3  O3   sing N N 9  
BDP C3  H3   sing N N 10 
BDP C4  C5   sing N N 11 
BDP C4  O4   sing N N 12 
BDP C4  H4   sing N N 13 
BDP C5  C6   sing N N 14 
BDP C5  O5   sing N N 15 
BDP C5  H5   sing N N 16 
BDP C6  O6A  doub N N 17 
BDP C6  O6B  sing N N 18 
BDP O2  HO2  sing N N 19 
BDP O3  HO3  sing N N 20 
BDP O4  HO4  sing N N 21 
BDP O1  HO1  sing N N 22 
BDP O6B HO6B sing N N 23 
NAG C1  C2   sing N N 24 
NAG C1  O1   sing N N 25 
NAG C1  O5   sing N N 26 
NAG C1  H1   sing N N 27 
NAG C2  C3   sing N N 28 
NAG C2  N2   sing N N 29 
NAG C2  H2   sing N N 30 
NAG C3  C4   sing N N 31 
NAG C3  O3   sing N N 32 
NAG C3  H3   sing N N 33 
NAG C4  C5   sing N N 34 
NAG C4  O4   sing N N 35 
NAG C4  H4   sing N N 36 
NAG C5  C6   sing N N 37 
NAG C5  O5   sing N N 38 
NAG C5  H5   sing N N 39 
NAG C6  O6   sing N N 40 
NAG C6  H61  sing N N 41 
NAG C6  H62  sing N N 42 
NAG C7  C8   sing N N 43 
NAG C7  N2   sing N N 44 
NAG C7  O7   doub N N 45 
NAG C8  H81  sing N N 46 
NAG C8  H82  sing N N 47 
NAG C8  H83  sing N N 48 
NAG N2  HN2  sing N N 49 
NAG O1  HO1  sing N N 50 
NAG O3  HO3  sing N N 51 
NAG O4  HO4  sing N N 52 
NAG O6  HO6  sing N N 53 
# 
loop_
_pdbx_entity_branch_list.entity_id 
_pdbx_entity_branch_list.comp_id 
_pdbx_entity_branch_list.num 
_pdbx_entity_branch_list.hetero 
1 BDP 1 n 
1 NAG 2 n 
1 BDP 3 n 
1 NAG 4 n 
1 BDP 5 n 
1 NAG 6 n 
1 BDP 7 n 
1 NAG 8 n 
# 
_pdbx_nmr_spectrometer.spectrometer_id   1 
_pdbx_nmr_spectrometer.model             OMEGA 
_pdbx_nmr_spectrometer.manufacturer      GE 
_pdbx_nmr_spectrometer.field_strength    600 
_pdbx_nmr_spectrometer.type              ? 
# 
_atom_sites.entry_id                    2BVK 
_atom_sites.fract_transf_matrix[1][1]   1.000000 
_atom_sites.fract_transf_matrix[1][2]   0.000000 
_atom_sites.fract_transf_matrix[1][3]   0.000000 
_atom_sites.fract_transf_matrix[2][1]   0.000000 
_atom_sites.fract_transf_matrix[2][2]   1.000000 
_atom_sites.fract_transf_matrix[2][3]   0.000000 
_atom_sites.fract_transf_matrix[3][1]   0.000000 
_atom_sites.fract_transf_matrix[3][2]   0.000000 
_atom_sites.fract_transf_matrix[3][3]   1.000000 
_atom_sites.fract_transf_vector[1]      0.00000 
_atom_sites.fract_transf_vector[2]      0.00000 
_atom_sites.fract_transf_vector[3]      0.00000 
# 
loop_
_atom_type.symbol 
C 
H 
N 
O 
# 
loop_
_atom_site.group_PDB 
_atom_site.id 
_atom_site.type_symbol 
_atom_site.label_atom_id 
_atom_site.label_alt_id 
_atom_site.label_comp_id 
_atom_site.label_asym_id 
_atom_site.label_entity_id 
_atom_site.label_seq_id 
_atom_site.pdbx_PDB_ins_code 
_atom_site.Cartn_x 
_atom_site.Cartn_y 
_atom_site.Cartn_z 
_atom_site.occupancy 
_atom_site.B_iso_or_equiv 
_atom_site.pdbx_formal_charge 
_atom_site.auth_seq_id 
_atom_site.auth_comp_id 
_atom_site.auth_asym_id 
_atom_site.auth_atom_id 
_atom_site.pdbx_PDB_model_num 
HETATM 1   C C1  . BDP A 1 . ? -10.787 7.421   -10.810 1.00 0.00 ? 1 BDP P C1  1 
HETATM 2   C C2  . BDP A 1 . ? -11.848 7.087   -9.770  1.00 0.00 ? 1 BDP P C2  1 
HETATM 3   C C3  . BDP A 1 . ? -11.322 7.361   -8.377  1.00 0.00 ? 1 BDP P C3  1 
HETATM 4   C C4  . BDP A 1 . ? -10.019 6.631   -8.156  1.00 0.00 ? 1 BDP P C4  1 
HETATM 5   C C5  . BDP A 1 . ? -9.021  6.967   -9.251  1.00 0.00 ? 1 BDP P C5  1 
HETATM 6   C C6  . BDP A 1 . ? -7.692  6.199   -9.096  1.00 0.00 ? 1 BDP P C6  1 
HETATM 7   O O2  . BDP A 1 . ? -13.008 7.868   -9.999  1.00 0.00 ? 1 BDP P O2  1 
HETATM 8   O O3  . BDP A 1 . ? -12.259 6.941   -7.406  1.00 0.00 ? 1 BDP P O3  1 
HETATM 9   O O4  . BDP A 1 . ? -9.494  7.023   -6.922  1.00 0.00 ? 1 BDP P O4  1 
HETATM 10  O O5  . BDP A 1 . ? -9.597  6.686   -10.526 1.00 0.00 ? 1 BDP P O5  1 
HETATM 11  O O6A . BDP A 1 . ? -6.656  6.845   -8.939  1.00 0.00 ? 1 BDP P O6A 1 
HETATM 12  O O1  . BDP A 1 . ? -11.262 7.114   -12.089 1.00 0.00 ? 1 BDP P O1  1 
HETATM 13  O O6B . BDP A 1 . ? -7.705  4.967   -9.130  1.00 0.00 ? 1 BDP P O6B 1 
HETATM 14  H H1  . BDP A 1 . ? -10.516 8.493   -10.766 1.00 0.00 ? 1 BDP P H1  1 
HETATM 15  H H2  . BDP A 1 . ? -12.117 6.021   -9.851  1.00 0.00 ? 1 BDP P H2  1 
HETATM 16  H H3  . BDP A 1 . ? -11.142 8.442   -8.257  1.00 0.00 ? 1 BDP P H3  1 
HETATM 17  H H4  . BDP A 1 . ? -10.198 5.543   -8.124  1.00 0.00 ? 1 BDP P H4  1 
HETATM 18  H H5  . BDP A 1 . ? -8.815  8.048   -9.237  1.00 0.00 ? 1 BDP P H5  1 
HETATM 19  C C1  . NAG A 1 . ? -9.177  6.016   -6.011  1.00 0.00 ? 2 NAG P C1  1 
HETATM 20  C C2  . NAG A 1 . ? -8.339  6.622   -4.907  1.00 0.00 ? 2 NAG P C2  1 
HETATM 21  C C3  . NAG A 1 . ? -7.968  5.583   -3.873  1.00 0.00 ? 2 NAG P C3  1 
HETATM 22  C C4  . NAG A 1 . ? -9.191  4.837   -3.402  1.00 0.00 ? 2 NAG P C4  1 
HETATM 23  C C5  . NAG A 1 . ? -9.992  4.299   -4.566  1.00 0.00 ? 2 NAG P C5  1 
HETATM 24  C C6  . NAG A 1 . ? -11.267 3.621   -4.087  1.00 0.00 ? 2 NAG P C6  1 
HETATM 25  C C7  . NAG A 1 . ? -6.849  8.521   -5.420  1.00 0.00 ? 2 NAG P C7  1 
HETATM 26  C C8  . NAG A 1 . ? -5.523  8.873   -6.097  1.00 0.00 ? 2 NAG P C8  1 
HETATM 27  N N2  . NAG A 1 . ? -7.139  7.202   -5.499  1.00 0.00 ? 2 NAG P N2  1 
HETATM 28  O O3  . NAG A 1 . ? -7.389  6.219   -2.774  1.00 0.00 ? 2 NAG P O3  1 
HETATM 29  O O4  . NAG A 1 . ? -8.784  3.777   -2.602  1.00 0.00 ? 2 NAG P O4  1 
HETATM 30  O O5  . NAG A 1 . ? -10.318 5.373   -5.446  1.00 0.00 ? 2 NAG P O5  1 
HETATM 31  O O6  . NAG A 1 . ? -11.982 3.112   -5.193  1.00 0.00 ? 2 NAG P O6  1 
HETATM 32  O O7  . NAG A 1 . ? -7.538  9.374   -4.875  1.00 0.00 ? 2 NAG P O7  1 
HETATM 33  H H1  . NAG A 1 . ? -8.597  5.244   -6.550  1.00 0.00 ? 2 NAG P H1  1 
HETATM 34  H H2  . NAG A 1 . ? -8.920  7.419   -4.417  1.00 0.00 ? 2 NAG P H2  1 
HETATM 35  H H3  . NAG A 1 . ? -7.239  4.870   -4.290  1.00 0.00 ? 2 NAG P H3  1 
HETATM 36  H H4  . NAG A 1 . ? -9.815  5.492   -2.775  1.00 0.00 ? 2 NAG P H4  1 
HETATM 37  H H5  . NAG A 1 . ? -9.380  3.587   -5.143  1.00 0.00 ? 2 NAG P H5  1 
HETATM 38  H H61 . NAG A 1 . ? -11.898 4.326   -3.525  1.00 0.00 ? 2 NAG P H61 1 
HETATM 39  H H62 . NAG A 1 . ? -11.032 2.795   -3.401  1.00 0.00 ? 2 NAG P H62 1 
HETATM 40  H H81 . NAG A 1 . ? -5.242  9.914   -5.885  1.00 0.00 ? 2 NAG P H81 1 
HETATM 41  H H82 . NAG A 1 . ? -4.714  8.221   -5.735  1.00 0.00 ? 2 NAG P H82 1 
HETATM 42  H H83 . NAG A 1 . ? -5.598  8.753   -7.188  1.00 0.00 ? 2 NAG P H83 1 
HETATM 43  H HN2 . NAG A 1 . ? -6.502  6.599   -5.979  1.00 0.00 ? 2 NAG P HN2 1 
HETATM 44  C C1  . BDP A 1 . ? -6.022  6.017   -2.565  1.00 0.00 ? 3 BDP P C1  1 
HETATM 45  C C2  . BDP A 1 . ? -5.549  6.979   -1.497  1.00 0.00 ? 3 BDP P C2  1 
HETATM 46  C C3  . BDP A 1 . ? -4.059  6.827   -1.277  1.00 0.00 ? 3 BDP P C3  1 
HETATM 47  C C4  . BDP A 1 . ? -3.723  5.389   -0.965  1.00 0.00 ? 3 BDP P C4  1 
HETATM 48  C C5  . BDP A 1 . ? -4.277  4.462   -2.033  1.00 0.00 ? 3 BDP P C5  1 
HETATM 49  C C6  . BDP A 1 . ? -4.014  2.975   -1.723  1.00 0.00 ? 3 BDP P C6  1 
HETATM 50  O O2  . BDP A 1 . ? -5.838  8.299   -1.912  1.00 0.00 ? 3 BDP P O2  1 
HETATM 51  O O3  . BDP A 1 . ? -3.637  7.647   -0.206  1.00 0.00 ? 3 BDP P O3  1 
HETATM 52  O O4  . BDP A 1 . ? -2.333  5.257   -0.921  1.00 0.00 ? 3 BDP P O4  1 
HETATM 53  O O5  . BDP A 1 . ? -5.678  4.685   -2.183  1.00 0.00 ? 3 BDP P O5  1 
HETATM 54  O O6A . BDP A 1 . ? -3.342  2.318   -2.517  1.00 0.00 ? 3 BDP P O6A 1 
HETATM 55  O O6B . BDP A 1 . ? -4.478  2.488   -0.690  1.00 0.00 ? 3 BDP P O6B 1 
HETATM 56  H H1  . BDP A 1 . ? -5.505  6.222   -3.521  1.00 0.00 ? 3 BDP P H1  1 
HETATM 57  H H2  . BDP A 1 . ? -6.088  6.773   -0.559  1.00 0.00 ? 3 BDP P H2  1 
HETATM 58  H H3  . BDP A 1 . ? -3.520  7.123   -2.190  1.00 0.00 ? 3 BDP P H3  1 
HETATM 59  H H4  . BDP A 1 . ? -4.126  5.114   0.023   1.00 0.00 ? 3 BDP P H4  1 
HETATM 60  H H5  . BDP A 1 . ? -3.820  4.712   -3.004  1.00 0.00 ? 3 BDP P H5  1 
HETATM 61  C C1  . NAG A 1 . ? -1.779  4.686   0.226   1.00 0.00 ? 4 NAG P C1  1 
HETATM 62  C C2  . NAG A 1 . ? -0.336  4.344   -0.066  1.00 0.00 ? 4 NAG P C2  1 
HETATM 63  C C3  . NAG A 1 . ? 0.331   3.729   1.144   1.00 0.00 ? 4 NAG P C3  1 
HETATM 64  C C4  . NAG A 1 . ? 0.121   4.588   2.364   1.00 0.00 ? 4 NAG P C4  1 
HETATM 65  C C5  . NAG A 1 . ? -1.343  4.916   2.560   1.00 0.00 ? 4 NAG P C5  1 
HETATM 66  C C6  . NAG A 1 . ? -1.540  5.852   3.744   1.00 0.00 ? 4 NAG P C6  1 
HETATM 67  C C7  . NAG A 1 . ? 0.326   3.715   -2.358  1.00 0.00 ? 4 NAG P C7  1 
HETATM 68  C C8  . NAG A 1 . ? 0.249   2.572   -3.372  1.00 0.00 ? 4 NAG P C8  1 
HETATM 69  N N2  . NAG A 1 . ? -0.294  3.419   -1.194  1.00 0.00 ? 4 NAG P N2  1 
HETATM 70  O O3  . NAG A 1 . ? 1.703   3.628   0.907   1.00 0.00 ? 4 NAG P O3  1 
HETATM 71  O O4  . NAG A 1 . ? 0.583   3.899   3.479   1.00 0.00 ? 4 NAG P O4  1 
HETATM 72  O O5  . NAG A 1 . ? -1.849  5.527   1.375   1.00 0.00 ? 4 NAG P O5  1 
HETATM 73  O O6  . NAG A 1 . ? -2.914  6.125   3.914   1.00 0.00 ? 4 NAG P O6  1 
HETATM 74  O O7  . NAG A 1 . ? 0.903   4.765   -2.617  1.00 0.00 ? 4 NAG P O7  1 
HETATM 75  H H1  . NAG A 1 . ? -2.351  3.768   0.453   1.00 0.00 ? 4 NAG P H1  1 
HETATM 76  H H2  . NAG A 1 . ? 0.201   5.265   -0.338  1.00 0.00 ? 4 NAG P H2  1 
HETATM 77  H H3  . NAG A 1 . ? -0.068  2.719   1.329   1.00 0.00 ? 4 NAG P H3  1 
HETATM 78  H H4  . NAG A 1 . ? 0.715   5.511   2.286   1.00 0.00 ? 4 NAG P H4  1 
HETATM 79  H H5  . NAG A 1 . ? -1.917  3.989   2.713   1.00 0.00 ? 4 NAG P H5  1 
HETATM 80  H H61 . NAG A 1 . ? -0.987  6.793   3.597   1.00 0.00 ? 4 NAG P H61 1 
HETATM 81  H H62 . NAG A 1 . ? -1.148  5.398   4.666   1.00 0.00 ? 4 NAG P H62 1 
HETATM 82  H H81 . NAG A 1 . ? 0.892   2.776   -4.241  1.00 0.00 ? 4 NAG P H81 1 
HETATM 83  H H82 . NAG A 1 . ? 0.578   1.624   -2.919  1.00 0.00 ? 4 NAG P H82 1 
HETATM 84  H H83 . NAG A 1 . ? -0.782  2.439   -3.734  1.00 0.00 ? 4 NAG P H83 1 
HETATM 85  H HN2 . NAG A 1 . ? -0.741  2.530   -1.099  1.00 0.00 ? 4 NAG P HN2 1 
HETATM 86  C C1  . BDP A 1 . ? 2.229   2.345   0.734   1.00 0.00 ? 5 BDP P C1  1 
HETATM 87  C C2  . BDP A 1 . ? 3.656   2.468   0.246   1.00 0.00 ? 5 BDP P C2  1 
HETATM 88  C C3  . BDP A 1 . ? 4.247   1.096   0.001   1.00 0.00 ? 5 BDP P C3  1 
HETATM 89  C C4  . BDP A 1 . ? 4.122   0.247   1.243   1.00 0.00 ? 5 BDP P C4  1 
HETATM 90  C C5  . BDP A 1 . ? 2.682   0.210   1.727   1.00 0.00 ? 5 BDP P C5  1 
HETATM 91  C C6  . BDP A 1 . ? 2.516   -0.594  3.032   1.00 0.00 ? 5 BDP P C6  1 
HETATM 92  O O2  . BDP A 1 . ? 3.661   3.212   -0.957  1.00 0.00 ? 5 BDP P O2  1 
HETATM 93  O O3  . BDP A 1 . ? 5.610   1.207   -0.352  1.00 0.00 ? 5 BDP P O3  1 
HETATM 94  O O4  . BDP A 1 . ? 4.535   -1.052  0.936   1.00 0.00 ? 5 BDP P O4  1 
HETATM 95  O O5  . BDP A 1 . ? 2.206   1.542   1.915   1.00 0.00 ? 5 BDP P O5  1 
HETATM 96  O O6A . BDP A 1 . ? 1.784   -1.584  3.024   1.00 0.00 ? 5 BDP P O6A 1 
HETATM 97  O O6B . BDP A 1 . ? 3.118   -0.226  4.043   1.00 0.00 ? 5 BDP P O6B 1 
HETATM 98  H H1  . BDP A 1 . ? 1.606   1.828   -0.020  1.00 0.00 ? 5 BDP P H1  1 
HETATM 99  H H2  . BDP A 1 . ? 4.253   3.003   0.999   1.00 0.00 ? 5 BDP P H2  1 
HETATM 100 H H3  . BDP A 1 . ? 3.703   0.602   -0.819  1.00 0.00 ? 5 BDP P H3  1 
HETATM 101 H H4  . BDP A 1 . ? 4.781   0.640   2.035   1.00 0.00 ? 5 BDP P H4  1 
HETATM 102 H H5  . BDP A 1 . ? 2.048   -0.237  0.947   1.00 0.00 ? 5 BDP P H5  1 
HETATM 103 C C1  . NAG A 1 . ? 5.519   -1.619  1.745   1.00 0.00 ? 6 NAG P C1  1 
HETATM 104 C C2  . NAG A 1 . ? 5.574   -3.104  1.458   1.00 0.00 ? 6 NAG P C2  1 
HETATM 105 C C3  . NAG A 1 . ? 6.631   -3.776  2.302   1.00 0.00 ? 6 NAG P C3  1 
HETATM 106 C C4  . NAG A 1 . ? 7.955   -3.070  2.145   1.00 0.00 ? 6 NAG P C4  1 
HETATM 107 C C5  . NAG A 1 . ? 7.812   -1.589  2.431   1.00 0.00 ? 6 NAG P C5  1 
HETATM 108 C C6  . NAG A 1 . ? 9.129   -0.855  2.218   1.00 0.00 ? 6 NAG P C6  1 
HETATM 109 C C7  . NAG A 1 . ? 3.527   -4.305  0.783   1.00 0.00 ? 6 NAG P C7  1 
HETATM 110 C C8  . NAG A 1 . ? 2.200   -4.838  1.326   1.00 0.00 ? 6 NAG P C8  1 
HETATM 111 N N2  . NAG A 1 . ? 4.260   -3.679  1.729   1.00 0.00 ? 6 NAG P N2  1 
HETATM 112 O O3  . NAG A 1 . ? 6.778   -5.104  1.894   1.00 0.00 ? 6 NAG P O3  1 
HETATM 113 O O4  . NAG A 1 . ? 8.881   -3.636  3.045   1.00 0.00 ? 6 NAG P O4  1 
HETATM 114 O O5  . NAG A 1 . ? 6.815   -1.045  1.566   1.00 0.00 ? 6 NAG P O5  1 
HETATM 115 O O6  . NAG A 1 . ? 8.964   0.517   2.507   1.00 0.00 ? 6 NAG P O6  1 
HETATM 116 O O7  . NAG A 1 . ? 3.849   -4.458  -0.389  1.00 0.00 ? 6 NAG P O7  1 
HETATM 117 H H1  . NAG A 1 . ? 5.229   -1.447  2.798   1.00 0.00 ? 6 NAG P H1  1 
HETATM 118 H H2  . NAG A 1 . ? 5.817   -3.253  0.394   1.00 0.00 ? 6 NAG P H2  1 
HETATM 119 H H3  . NAG A 1 . ? 6.322   -3.769  3.360   1.00 0.00 ? 6 NAG P H3  1 
HETATM 120 H H4  . NAG A 1 . ? 8.324   -3.211  1.116   1.00 0.00 ? 6 NAG P H4  1 
HETATM 121 H H5  . NAG A 1 . ? 7.457   -1.433  3.462   1.00 0.00 ? 6 NAG P H5  1 
HETATM 122 H H61 . NAG A 1 . ? 9.486   -0.979  1.185   1.00 0.00 ? 6 NAG P H61 1 
HETATM 123 H H62 . NAG A 1 . ? 9.911   -1.267  2.874   1.00 0.00 ? 6 NAG P H62 1 
HETATM 124 H H81 . NAG A 1 . ? 1.699   -5.473  0.579   1.00 0.00 ? 6 NAG P H81 1 
HETATM 125 H H82 . NAG A 1 . ? 2.361   -5.440  2.233   1.00 0.00 ? 6 NAG P H82 1 
HETATM 126 H H83 . NAG A 1 . ? 1.520   -4.011  1.580   1.00 0.00 ? 6 NAG P H83 1 
HETATM 127 H HN2 . NAG A 1 . ? 3.890   -3.607  2.655   1.00 0.00 ? 6 NAG P HN2 1 
HETATM 128 C C1  . BDP A 1 . ? 6.333   -6.095  2.772   1.00 0.00 ? 7 BDP P C1  1 
HETATM 129 C C2  . BDP A 1 . ? 6.346   -7.424  2.049   1.00 0.00 ? 7 BDP P C2  1 
HETATM 130 C C3  . BDP A 1 . ? 5.820   -8.518  2.953   1.00 0.00 ? 7 BDP P C3  1 
HETATM 131 C C4  . BDP A 1 . ? 6.597   -8.543  4.247   1.00 0.00 ? 7 BDP P C4  1 
HETATM 132 C C5  . BDP A 1 . ? 6.605   -7.170  4.897   1.00 0.00 ? 7 BDP P C5  1 
HETATM 133 C C6  . BDP A 1 . ? 7.441   -7.131  6.193   1.00 0.00 ? 7 BDP P C6  1 
HETATM 134 O O2  . BDP A 1 . ? 5.534   -7.324  0.897   1.00 0.00 ? 7 BDP P O2  1 
HETATM 135 O O3  . BDP A 1 . ? 5.935   -9.775  2.318   1.00 0.00 ? 7 BDP P O3  1 
HETATM 136 O O4  . BDP A 1 . ? 5.989   -9.454  5.115   1.00 0.00 ? 7 BDP P O4  1 
HETATM 137 O O5  . BDP A 1 . ? 7.101   -6.205  3.970   1.00 0.00 ? 7 BDP P O5  1 
HETATM 138 O O6A . BDP A 1 . ? 6.877   -6.835  7.246   1.00 0.00 ? 7 BDP P O6A 1 
HETATM 139 O O6B . BDP A 1 . ? 8.642   -7.399  6.138   1.00 0.00 ? 7 BDP P O6B 1 
HETATM 140 H H1  . BDP A 1 . ? 5.301   -5.832  3.075   1.00 0.00 ? 7 BDP P H1  1 
HETATM 141 H H2  . BDP A 1 . ? 7.376   -7.658  1.740   1.00 0.00 ? 7 BDP P H2  1 
HETATM 142 H H3  . BDP A 1 . ? 4.760   -8.327  3.184   1.00 0.00 ? 7 BDP P H3  1 
HETATM 143 H H4  . BDP A 1 . ? 7.630   -8.882  4.060   1.00 0.00 ? 7 BDP P H4  1 
HETATM 144 H H5  . BDP A 1 . ? 5.571   -6.871  5.128   1.00 0.00 ? 7 BDP P H5  1 
HETATM 145 C C1  . NAG A 1 . ? 6.795   -10.450 5.666   1.00 0.00 ? 8 NAG P C1  1 
HETATM 146 C C2  . NAG A 1 . ? 6.035   -11.100 6.800   1.00 0.00 ? 8 NAG P C2  1 
HETATM 147 C C3  . NAG A 1 . ? 6.856   -12.198 7.440   1.00 0.00 ? 8 NAG P C3  1 
HETATM 148 C C4  . NAG A 1 . ? 7.354   -13.168 6.386   1.00 0.00 ? 8 NAG P C4  1 
HETATM 149 C C5  . NAG A 1 . ? 8.079   -12.430 5.277   1.00 0.00 ? 8 NAG P C5  1 
HETATM 150 C C6  . NAG A 1 . ? 8.529   -13.384 4.180   1.00 0.00 ? 8 NAG P C6  1 
HETATM 151 C C7  . NAG A 1 . ? 4.474   -9.931  8.310   1.00 0.00 ? 8 NAG P C7  1 
HETATM 152 C C8  . NAG A 1 . ? 4.386   -8.768  9.301   1.00 0.00 ? 8 NAG P C8  1 
HETATM 153 N N2  . NAG A 1 . ? 5.710   -10.068 7.782   1.00 0.00 ? 8 NAG P N2  1 
HETATM 154 O O3  . NAG A 1 . ? 6.052   -12.890 8.375   1.00 0.00 ? 8 NAG P O3  1 
HETATM 155 O O4  . NAG A 1 . ? 8.239   -14.097 6.979   1.00 0.00 ? 8 NAG P O4  1 
HETATM 156 O O5  . NAG A 1 . ? 7.204   -11.445 4.728   1.00 0.00 ? 8 NAG P O5  1 
HETATM 157 O O6  . NAG A 1 . ? 9.211   -12.667 3.172   1.00 0.00 ? 8 NAG P O6  1 
HETATM 158 O O7  . NAG A 1 . ? 3.504   -10.634 8.055   1.00 0.00 ? 8 NAG P O7  1 
HETATM 159 H H1  . NAG A 1 . ? 7.711   -9.965  6.051   1.00 0.00 ? 8 NAG P H1  1 
HETATM 160 H H2  . NAG A 1 . ? 5.097   -11.516 6.397   1.00 0.00 ? 8 NAG P H2  1 
HETATM 161 H H3  . NAG A 1 . ? 7.713   -11.746 7.961   1.00 0.00 ? 8 NAG P H3  1 
HETATM 162 H H4  . NAG A 1 . ? 6.502   -13.715 5.952   1.00 0.00 ? 8 NAG P H4  1 
HETATM 163 H H5  . NAG A 1 . ? 8.948   -11.889 5.685   1.00 0.00 ? 8 NAG P H5  1 
HETATM 164 H H61 . NAG A 1 . ? 7.669   -13.916 3.744   1.00 0.00 ? 8 NAG P H61 1 
HETATM 165 H H62 . NAG A 1 . ? 9.201   -14.155 4.586   1.00 0.00 ? 8 NAG P H62 1 
HETATM 166 H H81 . NAG A 1 . ? 3.393   -8.734  9.774   1.00 0.00 ? 8 NAG P H81 1 
HETATM 167 H H82 . NAG A 1 . ? 5.139   -8.872  10.096  1.00 0.00 ? 8 NAG P H82 1 
HETATM 168 H H83 . NAG A 1 . ? 4.556   -7.808  8.792   1.00 0.00 ? 8 NAG P H83 1 
HETATM 169 H HN2 . NAG A 1 . ? 6.429   -9.434  8.066   1.00 0.00 ? 8 NAG P HN2 1 
# 
